data_9FEJ
#
_entry.id   9FEJ
#
_cell.length_a   96.666
_cell.length_b   96.666
_cell.length_c   267.586
_cell.angle_alpha   90.00
_cell.angle_beta   90.00
_cell.angle_gamma   120.00
#
_symmetry.space_group_name_H-M   'P 61 2 2'
#
loop_
_entity.id
_entity.type
_entity.pdbx_description
1 polymer 'RNA-directed RNA polymerase'
2 non-polymer 'CALCIUM ION'
#
_entity_poly.entity_id   1
_entity_poly.type   'polypeptide(L)'
_entity_poly.pdbx_seq_one_letter_code
;MASFVPLVGDPKLEGSYFSWVNNQPSAMDDYSLVKTVAAIRTAFGPSINRAPSFKDVTQLVVVTRTGVKHYKANDPQYLR
FQKELADALQQFEPSKQLTLGVTGLGLTRDFGTMYTHGAVFMNPTLSPRVDRLGETGGELPSDYMLALSIMSEIYFEEFK
PAKVRTNGKSKTGLPNNTKDAREKKKFFMSLMDHGTGWSSALAKGDYSYSAKYYGSAPITLPTYRDQLEKPGKKRDGYDF
LGNAVVAADKSIPSKYSQGVDGLHALRRRTAYAVSYAAATPMQCFVAGCRHIALERYGETWHEHDAEDIIRRIYKYGFYE
LYDASAFDTGFSWKEITTMIDAIPGITDLARDYMRSVHRLPLLITSDVRGVKGAYLLNMDKYSPGLQSGVPSVSDFGKIR
GAAQWSYGLMVLGAIRYQSRAQLKTEFKTLLKHGRPDFAMQNRGDDTMPLAARQKDLQKWCEIVEGFKFCKWEKDTGKKF
IGRVLYQRTPESKVVAYSDIVTMLEKTFINERSMFSAHRPFAATGNVMRYEMNMAHPAFGAVMDVVDTIMLKHFGVTYKE
CFVGAQALEKELNNGVELPDYAGLNQATRDFILDPDVIHYKWRESDIDPRVLDMVMPTSLEPDLCEEAVHKFGFVK
;
_entity_poly.pdbx_strand_id   A
#
loop_
_chem_comp.id
_chem_comp.type
_chem_comp.name
_chem_comp.formula
CA non-polymer 'CALCIUM ION' 'Ca 2'
#
# COMPACT_ATOMS: atom_id res chain seq x y z
N ALA A 2 6.63 -9.83 30.98
CA ALA A 2 5.49 -10.40 30.27
C ALA A 2 5.43 -9.89 28.84
N SER A 3 6.60 -9.75 28.21
CA SER A 3 6.68 -9.23 26.85
C SER A 3 6.39 -10.31 25.81
N PHE A 4 6.94 -11.51 25.99
CA PHE A 4 6.73 -12.62 25.07
C PHE A 4 5.61 -13.50 25.59
N VAL A 5 4.65 -13.81 24.72
CA VAL A 5 3.49 -14.62 25.09
C VAL A 5 3.34 -15.77 24.10
N PRO A 6 3.71 -17.00 24.49
CA PRO A 6 3.45 -18.15 23.61
C PRO A 6 1.95 -18.38 23.47
N LEU A 7 1.53 -18.78 22.28
CA LEU A 7 0.10 -18.85 21.99
C LEU A 7 -0.32 -20.18 21.40
N VAL A 8 0.38 -20.64 20.36
CA VAL A 8 -0.05 -21.85 19.64
C VAL A 8 1.02 -22.93 19.72
N GLY A 9 2.03 -22.83 18.86
CA GLY A 9 3.09 -23.82 18.84
C GLY A 9 4.11 -23.70 19.95
N ASP A 10 3.90 -22.78 20.89
CA ASP A 10 4.89 -22.45 21.92
C ASP A 10 6.27 -22.21 21.30
N PRO A 11 6.40 -21.20 20.45
CA PRO A 11 7.66 -21.02 19.72
C PRO A 11 8.78 -20.53 20.61
N LYS A 12 10.01 -20.72 20.13
CA LYS A 12 11.22 -20.30 20.84
C LYS A 12 11.95 -19.29 19.97
N LEU A 13 11.96 -18.04 20.41
CA LEU A 13 12.63 -16.99 19.67
C LEU A 13 14.15 -17.18 19.70
N GLU A 14 14.82 -16.52 18.75
CA GLU A 14 16.27 -16.54 18.72
C GLU A 14 16.82 -15.74 19.92
N GLY A 15 18.05 -16.08 20.31
CA GLY A 15 18.61 -15.49 21.51
C GLY A 15 18.73 -13.98 21.45
N SER A 16 19.29 -13.47 20.34
CA SER A 16 19.41 -12.03 20.19
C SER A 16 18.05 -11.35 20.25
N TYR A 17 17.02 -12.02 19.73
CA TYR A 17 15.66 -11.49 19.79
C TYR A 17 15.03 -11.71 21.16
N PHE A 18 15.24 -12.90 21.74
CA PHE A 18 14.60 -13.22 23.02
C PHE A 18 15.20 -12.40 24.16
N SER A 19 16.53 -12.28 24.20
CA SER A 19 17.17 -11.50 25.26
C SER A 19 16.83 -10.03 25.14
N TRP A 20 16.51 -9.55 23.94
CA TRP A 20 16.10 -8.17 23.76
C TRP A 20 14.63 -7.97 24.14
N VAL A 21 13.77 -8.93 23.78
CA VAL A 21 12.35 -8.82 24.12
C VAL A 21 12.16 -8.92 25.63
N ASN A 22 12.96 -9.76 26.31
CA ASN A 22 12.83 -9.89 27.76
C ASN A 22 13.19 -8.58 28.46
N ASN A 23 14.19 -7.85 27.95
CA ASN A 23 14.56 -6.57 28.53
C ASN A 23 13.57 -5.47 28.24
N GLN A 24 12.62 -5.69 27.33
CA GLN A 24 11.62 -4.67 27.04
C GLN A 24 10.45 -4.81 28.00
N PRO A 25 9.97 -3.72 28.60
CA PRO A 25 8.85 -3.82 29.55
C PRO A 25 7.57 -4.26 28.85
N SER A 26 6.78 -5.05 29.55
CA SER A 26 5.53 -5.56 29.00
C SER A 26 4.54 -4.41 28.79
N ALA A 27 3.88 -4.42 27.63
CA ALA A 27 2.94 -3.36 27.30
C ALA A 27 1.67 -3.42 28.15
N MET A 28 1.23 -4.61 28.50
CA MET A 28 -0.05 -4.81 29.16
C MET A 28 0.15 -5.56 30.48
N ASP A 29 -0.63 -5.17 31.48
CA ASP A 29 -0.62 -5.87 32.75
C ASP A 29 -1.27 -7.25 32.61
N ASP A 30 -1.11 -8.07 33.64
CA ASP A 30 -1.67 -9.42 33.62
C ASP A 30 -3.20 -9.41 33.55
N TYR A 31 -3.84 -8.33 34.01
CA TYR A 31 -5.29 -8.24 33.89
C TYR A 31 -5.72 -8.10 32.43
N SER A 32 -5.15 -7.13 31.72
CA SER A 32 -5.54 -6.92 30.33
C SER A 32 -4.96 -7.99 29.42
N LEU A 33 -3.80 -8.56 29.77
CA LEU A 33 -3.16 -9.56 28.91
C LEU A 33 -4.00 -10.82 28.83
N VAL A 34 -4.45 -11.34 29.98
CA VAL A 34 -5.28 -12.54 29.97
C VAL A 34 -6.61 -12.26 29.28
N LYS A 35 -7.17 -11.07 29.49
CA LYS A 35 -8.41 -10.71 28.82
C LYS A 35 -8.23 -10.65 27.31
N THR A 36 -7.05 -10.20 26.85
CA THR A 36 -6.77 -10.12 25.43
C THR A 36 -6.44 -11.48 24.84
N VAL A 37 -5.64 -12.28 25.56
CA VAL A 37 -5.28 -13.61 25.07
C VAL A 37 -6.53 -14.46 24.88
N ALA A 38 -7.51 -14.32 25.78
CA ALA A 38 -8.78 -15.02 25.61
C ALA A 38 -9.53 -14.53 24.38
N ALA A 39 -9.34 -13.26 24.01
CA ALA A 39 -10.06 -12.72 22.86
C ALA A 39 -9.38 -13.11 21.55
N ILE A 40 -8.04 -13.16 21.53
CA ILE A 40 -7.33 -13.61 20.34
C ILE A 40 -7.37 -15.12 20.17
N ARG A 41 -7.92 -15.85 21.14
CA ARG A 41 -8.22 -17.27 20.99
C ARG A 41 -9.67 -17.51 20.62
N THR A 42 -10.60 -16.76 21.21
CA THR A 42 -12.00 -16.83 20.80
C THR A 42 -12.14 -16.52 19.32
N ALA A 43 -11.68 -15.36 18.90
CA ALA A 43 -11.53 -15.04 17.49
C ALA A 43 -10.18 -15.53 17.00
N PHE A 44 -10.01 -15.51 15.67
CA PHE A 44 -8.77 -15.95 15.03
C PHE A 44 -8.41 -17.39 15.39
N GLY A 45 -9.43 -18.22 15.62
CA GLY A 45 -9.23 -19.62 15.89
C GLY A 45 -8.44 -20.33 14.81
N PRO A 46 -8.97 -20.34 13.58
CA PRO A 46 -8.22 -20.97 12.48
C PRO A 46 -6.97 -20.20 12.09
N SER A 47 -7.06 -18.86 12.04
CA SER A 47 -5.93 -18.06 11.56
C SER A 47 -4.70 -18.23 12.44
N ILE A 48 -4.90 -18.53 13.73
CA ILE A 48 -3.77 -18.64 14.65
C ILE A 48 -3.20 -20.06 14.70
N ASN A 49 -3.97 -21.07 14.32
CA ASN A 49 -3.56 -22.46 14.42
C ASN A 49 -3.31 -23.11 13.06
N ARG A 50 -3.22 -22.32 12.00
CA ARG A 50 -3.07 -22.85 10.65
C ARG A 50 -1.63 -22.72 10.17
N ALA A 51 -1.23 -23.62 9.25
CA ALA A 51 0.04 -23.63 8.55
C ALA A 51 -0.07 -22.84 7.24
N PRO A 52 1.04 -22.27 6.75
CA PRO A 52 0.99 -21.45 5.53
C PRO A 52 0.39 -22.18 4.33
N SER A 53 1.00 -23.30 3.94
CA SER A 53 0.54 -24.14 2.82
C SER A 53 0.55 -23.28 1.56
N PHE A 54 -0.51 -23.29 0.76
CA PHE A 54 -0.53 -22.55 -0.50
C PHE A 54 -1.86 -21.78 -0.56
N LYS A 55 -2.19 -21.27 -1.75
CA LYS A 55 -3.34 -20.42 -1.95
C LYS A 55 -4.36 -21.09 -2.86
N ASP A 56 -5.63 -20.76 -2.64
CA ASP A 56 -6.74 -21.24 -3.45
C ASP A 56 -7.32 -20.04 -4.18
N VAL A 57 -6.89 -19.81 -5.42
CA VAL A 57 -7.25 -18.63 -6.18
C VAL A 57 -7.83 -19.06 -7.52
N THR A 58 -8.99 -18.52 -7.87
CA THR A 58 -9.57 -18.71 -9.20
C THR A 58 -9.11 -17.59 -10.11
N GLN A 59 -8.36 -17.93 -11.16
CA GLN A 59 -7.75 -16.95 -12.03
C GLN A 59 -8.57 -16.66 -13.29
N LEU A 60 -9.29 -17.65 -13.81
CA LEU A 60 -10.02 -17.47 -15.06
C LEU A 60 -11.35 -18.22 -14.97
N VAL A 61 -12.41 -17.57 -15.45
CA VAL A 61 -13.75 -18.15 -15.50
C VAL A 61 -14.22 -18.09 -16.94
N VAL A 62 -14.33 -19.24 -17.59
CA VAL A 62 -14.68 -19.34 -18.99
C VAL A 62 -16.18 -19.63 -19.11
N VAL A 63 -16.89 -18.80 -19.86
CA VAL A 63 -18.32 -18.96 -20.07
C VAL A 63 -18.54 -19.50 -21.47
N THR A 64 -19.19 -20.66 -21.57
CA THR A 64 -19.51 -21.29 -22.84
C THR A 64 -21.00 -21.61 -22.89
N ARG A 65 -21.50 -21.88 -24.09
CA ARG A 65 -22.89 -22.28 -24.24
C ARG A 65 -23.19 -23.56 -23.49
N THR A 66 -22.19 -24.45 -23.37
CA THR A 66 -22.38 -25.74 -22.74
C THR A 66 -22.19 -25.70 -21.23
N GLY A 67 -21.10 -25.09 -20.77
CA GLY A 67 -20.83 -25.02 -19.34
C GLY A 67 -19.88 -23.88 -19.02
N VAL A 68 -19.58 -23.76 -17.73
CA VAL A 68 -18.68 -22.74 -17.22
C VAL A 68 -17.63 -23.42 -16.36
N LYS A 69 -16.36 -23.25 -16.69
CA LYS A 69 -15.26 -23.91 -16.02
C LYS A 69 -14.38 -22.89 -15.31
N HIS A 70 -14.08 -23.16 -14.05
CA HIS A 70 -13.19 -22.32 -13.26
C HIS A 70 -11.77 -22.87 -13.32
N TYR A 71 -10.82 -22.03 -13.70
CA TYR A 71 -9.41 -22.40 -13.79
C TYR A 71 -8.68 -21.77 -12.61
N LYS A 72 -8.20 -22.61 -11.70
CA LYS A 72 -7.48 -22.14 -10.53
C LYS A 72 -5.99 -22.01 -10.82
N ALA A 73 -5.27 -21.41 -9.88
CA ALA A 73 -3.85 -21.14 -10.08
C ALA A 73 -3.03 -22.42 -10.06
N ASN A 74 -3.49 -23.45 -9.36
CA ASN A 74 -2.77 -24.71 -9.24
C ASN A 74 -3.29 -25.79 -10.18
N ASP A 75 -4.22 -25.45 -11.06
CA ASP A 75 -4.74 -26.43 -12.00
C ASP A 75 -3.67 -26.78 -13.04
N PRO A 76 -3.53 -28.06 -13.39
CA PRO A 76 -2.50 -28.44 -14.39
C PRO A 76 -2.75 -27.84 -15.75
N GLN A 77 -4.01 -27.76 -16.19
CA GLN A 77 -4.30 -27.18 -17.49
C GLN A 77 -4.02 -25.68 -17.52
N TYR A 78 -4.21 -25.00 -16.38
CA TYR A 78 -3.92 -23.57 -16.32
C TYR A 78 -2.43 -23.29 -16.24
N LEU A 79 -1.65 -24.20 -15.64
CA LEU A 79 -0.21 -24.01 -15.56
C LEU A 79 0.47 -24.21 -16.90
N ARG A 80 -0.07 -25.11 -17.73
CA ARG A 80 0.48 -25.28 -19.07
C ARG A 80 0.17 -24.09 -19.96
N PHE A 81 -0.99 -23.45 -19.76
CA PHE A 81 -1.29 -22.22 -20.47
C PHE A 81 -0.39 -21.08 -20.01
N GLN A 82 -0.16 -20.99 -18.69
CA GLN A 82 0.70 -19.93 -18.16
C GLN A 82 2.14 -20.10 -18.62
N LYS A 83 2.63 -21.34 -18.64
CA LYS A 83 4.01 -21.59 -19.07
C LYS A 83 4.19 -21.24 -20.54
N GLU A 84 3.20 -21.56 -21.37
CA GLU A 84 3.31 -21.27 -22.80
C GLU A 84 3.16 -19.78 -23.06
N LEU A 85 2.23 -19.11 -22.37
CA LEU A 85 2.07 -17.68 -22.53
C LEU A 85 3.30 -16.93 -22.05
N ALA A 86 3.93 -17.40 -20.97
CA ALA A 86 5.16 -16.77 -20.49
C ALA A 86 6.30 -16.97 -21.48
N ASP A 87 6.41 -18.17 -22.06
CA ASP A 87 7.43 -18.41 -23.08
C ASP A 87 7.16 -17.58 -24.33
N ALA A 88 5.90 -17.48 -24.74
CA ALA A 88 5.56 -16.73 -25.94
C ALA A 88 5.74 -15.23 -25.75
N LEU A 89 5.73 -14.74 -24.51
CA LEU A 89 5.92 -13.33 -24.23
C LEU A 89 7.37 -12.96 -23.92
N GLN A 90 8.29 -13.93 -24.01
CA GLN A 90 9.71 -13.63 -23.83
C GLN A 90 10.33 -12.96 -25.05
N GLN A 91 9.65 -13.00 -26.20
CA GLN A 91 10.16 -12.30 -27.38
C GLN A 91 10.21 -10.80 -27.15
N PHE A 92 9.38 -10.28 -26.25
CA PHE A 92 9.38 -8.86 -25.93
C PHE A 92 10.47 -8.54 -24.91
N GLU A 93 11.06 -7.36 -25.05
CA GLU A 93 12.12 -6.90 -24.18
C GLU A 93 11.89 -5.42 -23.89
N PRO A 94 12.48 -4.90 -22.81
CA PRO A 94 12.33 -3.47 -22.51
C PRO A 94 12.87 -2.61 -23.65
N SER A 95 12.05 -1.65 -24.08
CA SER A 95 12.38 -0.84 -25.24
C SER A 95 13.34 0.29 -24.87
N LYS A 96 13.80 0.99 -25.90
CA LYS A 96 14.76 2.07 -25.72
C LYS A 96 14.09 3.31 -25.13
N GLN A 97 14.84 4.10 -24.38
CA GLN A 97 14.26 5.28 -23.75
C GLN A 97 14.72 6.58 -24.41
N LEU A 98 13.78 7.26 -25.06
CA LEU A 98 14.10 8.55 -25.70
C LEU A 98 14.35 9.63 -24.65
N THR A 99 14.90 10.75 -25.09
CA THR A 99 15.19 11.85 -24.17
C THR A 99 14.11 12.04 -23.11
N LEU A 100 12.85 12.02 -23.51
CA LEU A 100 11.77 12.26 -22.55
C LEU A 100 10.84 11.05 -22.38
N GLY A 101 11.31 9.84 -22.59
CA GLY A 101 10.49 8.68 -22.35
C GLY A 101 10.83 7.53 -23.28
N VAL A 102 10.23 6.37 -22.97
CA VAL A 102 10.43 5.17 -23.76
C VAL A 102 9.73 5.31 -25.11
N THR A 103 10.25 4.61 -26.12
CA THR A 103 9.74 4.70 -27.49
C THR A 103 9.37 3.31 -28.00
N GLY A 104 8.85 3.26 -29.23
CA GLY A 104 8.49 1.99 -29.84
C GLY A 104 7.35 1.34 -29.10
N LEU A 105 7.56 0.08 -28.71
CA LEU A 105 6.62 -0.58 -27.81
C LEU A 105 6.82 -0.01 -26.41
N GLY A 106 5.73 0.41 -25.77
CA GLY A 106 5.84 1.05 -24.47
C GLY A 106 6.15 0.08 -23.35
N LEU A 107 7.23 -0.69 -23.50
CA LEU A 107 7.59 -1.73 -22.54
C LEU A 107 8.74 -1.26 -21.67
N THR A 108 8.48 -1.20 -20.36
CA THR A 108 9.50 -0.87 -19.38
C THR A 108 10.16 -2.09 -18.77
N ARG A 109 9.63 -3.28 -19.05
CA ARG A 109 10.09 -4.54 -18.50
C ARG A 109 9.44 -5.67 -19.28
N ASP A 110 10.12 -6.80 -19.41
CA ASP A 110 9.57 -7.93 -20.14
C ASP A 110 8.53 -8.66 -19.31
N PHE A 111 7.77 -9.55 -19.94
CA PHE A 111 6.78 -10.32 -19.20
C PHE A 111 7.44 -11.48 -18.48
N GLY A 112 8.47 -11.19 -17.71
CA GLY A 112 9.18 -12.23 -16.99
C GLY A 112 8.46 -12.67 -15.74
N THR A 113 7.86 -11.71 -15.04
CA THR A 113 7.16 -12.02 -13.81
C THR A 113 6.05 -13.03 -14.07
N MET A 114 5.74 -13.26 -15.34
CA MET A 114 4.63 -14.15 -15.67
C MET A 114 4.93 -15.61 -15.34
N TYR A 115 6.15 -15.93 -14.89
CA TYR A 115 6.48 -17.27 -14.47
C TYR A 115 6.17 -17.53 -13.00
N THR A 116 5.56 -16.57 -12.32
CA THR A 116 5.29 -16.71 -10.90
C THR A 116 4.05 -17.57 -10.68
N HIS A 117 4.21 -18.63 -9.87
CA HIS A 117 3.11 -19.54 -9.58
C HIS A 117 2.06 -18.82 -8.75
N GLY A 118 0.84 -18.76 -9.26
CA GLY A 118 -0.22 -17.98 -8.63
C GLY A 118 -0.69 -18.49 -7.29
N ALA A 119 -0.31 -19.71 -6.90
CA ALA A 119 -0.77 -20.29 -5.66
C ALA A 119 0.33 -20.54 -4.64
N VAL A 120 1.59 -20.61 -5.07
CA VAL A 120 2.70 -20.92 -4.18
C VAL A 120 3.46 -19.64 -3.87
N PHE A 121 3.61 -19.33 -2.59
CA PHE A 121 4.43 -18.22 -2.14
C PHE A 121 5.73 -18.75 -1.55
N MET A 122 6.73 -17.88 -1.50
CA MET A 122 8.05 -18.27 -1.04
C MET A 122 8.01 -18.70 0.43
N ASN A 123 8.95 -19.56 0.79
CA ASN A 123 9.07 -20.06 2.15
C ASN A 123 10.52 -19.96 2.60
N PRO A 124 10.80 -19.33 3.75
CA PRO A 124 9.79 -18.73 4.61
C PRO A 124 9.36 -17.34 4.14
N THR A 125 8.09 -16.99 4.38
CA THR A 125 7.65 -15.62 4.15
C THR A 125 8.36 -14.68 5.10
N LEU A 126 9.13 -13.75 4.56
CA LEU A 126 9.93 -12.86 5.39
C LEU A 126 9.05 -12.04 6.32
N SER A 127 9.25 -12.20 7.62
CA SER A 127 8.47 -11.58 8.67
C SER A 127 9.21 -10.41 9.29
N PRO A 128 8.50 -9.48 9.90
CA PRO A 128 9.16 -8.32 10.49
C PRO A 128 9.94 -8.69 11.74
N ARG A 129 10.89 -7.82 12.09
CA ARG A 129 11.74 -7.98 13.26
C ARG A 129 11.76 -6.66 14.01
N VAL A 130 11.29 -6.68 15.26
CA VAL A 130 10.97 -5.43 15.94
C VAL A 130 12.24 -4.64 16.28
N ASP A 131 13.32 -5.32 16.67
CA ASP A 131 14.52 -4.63 17.12
C ASP A 131 15.34 -4.07 15.96
N ARG A 132 15.04 -4.43 14.72
CA ARG A 132 15.80 -3.98 13.56
C ARG A 132 14.96 -3.11 12.63
N LEU A 133 13.80 -2.64 13.10
CA LEU A 133 12.97 -1.74 12.31
C LEU A 133 13.28 -0.29 12.65
N GLY A 134 12.97 0.59 11.71
CA GLY A 134 13.17 2.02 11.90
C GLY A 134 14.60 2.49 11.83
N GLU A 135 15.53 1.64 11.41
CA GLU A 135 16.94 2.02 11.35
C GLU A 135 17.17 2.96 10.17
N THR A 136 17.71 4.15 10.45
CA THR A 136 18.02 5.11 9.41
C THR A 136 19.43 4.97 8.86
N GLY A 137 20.32 4.29 9.57
CA GLY A 137 21.70 4.21 9.14
C GLY A 137 22.48 5.47 9.47
N GLY A 138 22.40 6.46 8.58
CA GLY A 138 23.10 7.72 8.79
C GLY A 138 22.34 8.68 9.70
N GLU A 139 23.06 9.69 10.15
CA GLU A 139 22.48 10.68 11.06
C GLU A 139 21.49 11.58 10.33
N LEU A 140 20.46 11.99 11.04
CA LEU A 140 19.47 12.90 10.49
C LEU A 140 19.95 14.34 10.65
N PRO A 141 20.12 15.10 9.56
CA PRO A 141 20.57 16.48 9.70
C PRO A 141 19.54 17.36 10.36
N SER A 142 20.01 18.40 11.03
CA SER A 142 19.10 19.34 11.71
C SER A 142 18.26 20.11 10.71
N ASP A 143 18.84 20.47 9.56
CA ASP A 143 18.07 21.17 8.54
C ASP A 143 17.00 20.28 7.93
N TYR A 144 17.26 18.97 7.83
CA TYR A 144 16.25 18.05 7.33
C TYR A 144 15.11 17.89 8.34
N MET A 145 15.45 17.71 9.62
CA MET A 145 14.42 17.61 10.64
C MET A 145 13.60 18.90 10.74
N LEU A 146 14.23 20.04 10.44
CA LEU A 146 13.48 21.29 10.36
C LEU A 146 12.52 21.28 9.17
N ALA A 147 13.01 20.84 7.99
CA ALA A 147 12.15 20.77 6.83
C ALA A 147 11.06 19.72 6.99
N LEU A 148 11.34 18.65 7.73
CA LEU A 148 10.32 17.63 7.97
C LEU A 148 9.23 18.15 8.90
N SER A 149 9.61 18.94 9.90
CA SER A 149 8.62 19.56 10.78
C SER A 149 7.79 20.59 10.04
N ILE A 150 8.41 21.35 9.15
CA ILE A 150 7.68 22.38 8.41
C ILE A 150 6.78 21.74 7.37
N MET A 151 7.23 20.65 6.73
CA MET A 151 6.38 19.96 5.77
C MET A 151 5.16 19.35 6.44
N SER A 152 5.33 18.79 7.64
CA SER A 152 4.19 18.25 8.37
C SER A 152 3.25 19.36 8.82
N GLU A 153 3.81 20.49 9.22
CA GLU A 153 2.98 21.63 9.65
C GLU A 153 2.17 22.17 8.48
N ILE A 154 2.74 22.20 7.28
CA ILE A 154 2.00 22.63 6.10
C ILE A 154 0.88 21.65 5.77
N TYR A 155 1.16 20.36 5.90
CA TYR A 155 0.18 19.34 5.52
C TYR A 155 -1.04 19.37 6.43
N PHE A 156 -0.82 19.45 7.74
CA PHE A 156 -1.90 19.46 8.72
C PHE A 156 -2.18 20.86 9.25
N GLU A 157 -2.20 21.86 8.38
CA GLU A 157 -2.40 23.24 8.83
C GLU A 157 -3.88 23.55 9.04
N GLU A 158 -4.74 23.10 8.13
CA GLU A 158 -6.17 23.33 8.21
C GLU A 158 -6.92 22.00 8.29
N PHE A 159 -7.98 21.98 9.09
CA PHE A 159 -8.82 20.80 9.25
C PHE A 159 -10.25 21.13 8.83
N LYS A 160 -10.80 20.32 7.94
CA LYS A 160 -12.19 20.45 7.49
C LYS A 160 -12.79 19.05 7.54
N PRO A 161 -13.81 18.82 8.36
CA PRO A 161 -14.34 17.45 8.53
C PRO A 161 -14.70 16.81 7.19
N ALA A 162 -14.31 15.56 7.03
CA ALA A 162 -14.46 14.84 5.77
C ALA A 162 -15.11 13.49 6.01
N LYS A 163 -15.66 12.93 4.93
CA LYS A 163 -16.34 11.65 4.99
C LYS A 163 -15.32 10.52 5.04
N VAL A 164 -15.44 9.65 6.05
CA VAL A 164 -14.51 8.55 6.28
C VAL A 164 -15.24 7.25 6.01
N ARG A 165 -14.78 6.51 5.00
CA ARG A 165 -15.33 5.21 4.65
C ARG A 165 -14.34 4.11 4.99
N THR A 166 -14.84 3.04 5.60
CA THR A 166 -14.05 1.87 5.96
C THR A 166 -14.44 0.70 5.08
N ASN A 167 -13.44 -0.06 4.63
CA ASN A 167 -13.68 -1.19 3.74
C ASN A 167 -14.55 -2.24 4.42
N GLY A 168 -15.62 -2.64 3.75
CA GLY A 168 -16.49 -3.70 4.25
C GLY A 168 -15.93 -5.10 4.13
N LYS A 169 -14.79 -5.25 3.46
CA LYS A 169 -14.12 -6.53 3.33
C LYS A 169 -13.04 -6.74 4.38
N SER A 170 -12.82 -5.76 5.26
CA SER A 170 -11.76 -5.80 6.24
C SER A 170 -12.32 -6.08 7.63
N LYS A 171 -11.50 -6.73 8.46
CA LYS A 171 -11.87 -6.98 9.83
C LYS A 171 -11.66 -5.73 10.69
N THR A 172 -12.26 -5.75 11.87
CA THR A 172 -12.05 -4.68 12.84
C THR A 172 -10.97 -5.01 13.85
N GLY A 173 -10.36 -6.20 13.76
CA GLY A 173 -9.32 -6.60 14.70
C GLY A 173 -9.84 -6.81 16.10
N LEU A 174 -9.28 -6.09 17.06
CA LEU A 174 -9.70 -6.19 18.44
C LEU A 174 -9.89 -4.79 19.02
N PRO A 175 -10.74 -4.63 20.05
CA PRO A 175 -11.49 -5.66 20.78
C PRO A 175 -12.63 -6.30 19.99
N ASN A 176 -13.42 -5.50 19.27
CA ASN A 176 -14.52 -6.03 18.49
C ASN A 176 -14.00 -6.54 17.15
N ASN A 177 -14.48 -7.72 16.74
CA ASN A 177 -14.02 -8.39 15.53
C ASN A 177 -15.24 -8.74 14.66
N THR A 178 -15.55 -7.87 13.71
CA THR A 178 -16.65 -8.09 12.78
C THR A 178 -16.34 -7.39 11.47
N LYS A 179 -16.67 -8.05 10.36
CA LYS A 179 -16.72 -7.40 9.06
C LYS A 179 -18.03 -6.68 8.81
N ASP A 180 -19.00 -6.82 9.72
CA ASP A 180 -20.33 -6.28 9.51
C ASP A 180 -20.29 -4.75 9.47
N ALA A 181 -20.90 -4.18 8.42
CA ALA A 181 -20.95 -2.73 8.31
C ALA A 181 -21.78 -2.12 9.44
N ARG A 182 -22.89 -2.77 9.80
CA ARG A 182 -23.74 -2.26 10.85
C ARG A 182 -23.03 -2.27 12.20
N GLU A 183 -22.24 -3.32 12.46
CA GLU A 183 -21.53 -3.41 13.73
C GLU A 183 -20.36 -2.44 13.78
N LYS A 184 -19.76 -2.13 12.63
CA LYS A 184 -18.62 -1.21 12.63
C LYS A 184 -19.02 0.19 13.07
N LYS A 185 -20.22 0.64 12.68
CA LYS A 185 -20.64 1.98 13.05
C LYS A 185 -21.15 2.04 14.49
N LYS A 186 -21.88 1.01 14.92
CA LYS A 186 -22.28 0.95 16.32
C LYS A 186 -21.06 0.89 17.24
N PHE A 187 -20.01 0.20 16.80
CA PHE A 187 -18.78 0.11 17.58
C PHE A 187 -18.09 1.47 17.68
N PHE A 188 -18.20 2.30 16.64
CA PHE A 188 -17.61 3.63 16.69
C PHE A 188 -18.44 4.60 17.50
N MET A 189 -19.78 4.45 17.47
CA MET A 189 -20.63 5.31 18.28
C MET A 189 -20.37 5.08 19.77
N SER A 190 -20.18 3.82 20.16
CA SER A 190 -19.89 3.52 21.56
C SER A 190 -18.53 4.08 21.96
N LEU A 191 -17.56 4.07 21.04
CA LEU A 191 -16.26 4.64 21.33
C LEU A 191 -16.33 6.16 21.48
N MET A 192 -17.28 6.81 20.80
CA MET A 192 -17.45 8.25 20.97
C MET A 192 -17.97 8.57 22.37
N ASP A 193 -18.85 7.71 22.92
CA ASP A 193 -19.40 7.97 24.24
C ASP A 193 -18.32 7.92 25.32
N HIS A 194 -17.29 7.09 25.12
CA HIS A 194 -16.15 7.12 26.04
C HIS A 194 -15.28 8.35 25.81
N GLY A 195 -15.04 8.69 24.54
CA GLY A 195 -14.35 9.91 24.18
C GLY A 195 -12.97 10.08 24.80
N THR A 196 -12.84 11.05 25.70
CA THR A 196 -11.56 11.31 26.33
C THR A 196 -11.11 10.15 27.21
N GLY A 197 -12.06 9.41 27.79
CA GLY A 197 -11.70 8.25 28.58
C GLY A 197 -11.06 7.15 27.77
N TRP A 198 -11.50 6.98 26.52
CA TRP A 198 -10.87 6.01 25.63
C TRP A 198 -9.53 6.51 25.12
N SER A 199 -9.45 7.79 24.77
CA SER A 199 -8.21 8.34 24.21
C SER A 199 -7.12 8.41 25.27
N SER A 200 -7.47 8.79 26.50
CA SER A 200 -6.48 8.90 27.56
C SER A 200 -5.90 7.53 27.91
N ALA A 201 -6.73 6.48 27.86
CA ALA A 201 -6.25 5.14 28.15
C ALA A 201 -5.25 4.67 27.10
N LEU A 202 -5.55 4.91 25.82
CA LEU A 202 -4.64 4.48 24.77
C LEU A 202 -3.40 5.36 24.70
N ALA A 203 -3.53 6.65 25.05
CA ALA A 203 -2.39 7.55 25.02
C ALA A 203 -1.42 7.30 26.18
N LYS A 204 -1.85 6.58 27.21
CA LYS A 204 -1.01 6.25 28.35
C LYS A 204 -0.52 4.82 28.33
N GLY A 205 -0.83 4.07 27.28
CA GLY A 205 -0.51 2.65 27.27
C GLY A 205 -1.30 1.84 28.25
N ASP A 206 -2.41 2.37 28.76
CA ASP A 206 -3.26 1.66 29.71
C ASP A 206 -4.31 0.87 28.92
N TYR A 207 -3.90 -0.31 28.46
CA TYR A 207 -4.79 -1.18 27.71
C TYR A 207 -5.79 -1.91 28.60
N SER A 208 -5.79 -1.64 29.90
CA SER A 208 -6.78 -2.27 30.79
C SER A 208 -8.16 -1.67 30.60
N TYR A 209 -8.23 -0.36 30.39
CA TYR A 209 -9.52 0.30 30.18
C TYR A 209 -10.20 -0.21 28.92
N SER A 210 -9.43 -0.45 27.86
CA SER A 210 -10.01 -1.01 26.64
C SER A 210 -10.52 -2.42 26.85
N ALA A 211 -9.87 -3.20 27.73
CA ALA A 211 -10.33 -4.54 28.03
C ALA A 211 -11.47 -4.56 29.04
N LYS A 212 -11.68 -3.46 29.77
CA LYS A 212 -12.78 -3.43 30.74
C LYS A 212 -14.12 -3.32 30.04
N TYR A 213 -14.22 -2.51 28.99
CA TYR A 213 -15.50 -2.17 28.39
C TYR A 213 -15.76 -2.88 27.06
N TYR A 214 -14.72 -3.33 26.36
CA TYR A 214 -14.90 -3.98 25.07
C TYR A 214 -14.31 -5.38 25.03
N GLY A 215 -13.66 -5.84 26.10
CA GLY A 215 -13.25 -7.23 26.22
C GLY A 215 -11.81 -7.51 25.84
N SER A 216 -11.11 -6.57 25.22
CA SER A 216 -9.73 -6.81 24.81
C SER A 216 -9.03 -5.48 24.59
N ALA A 217 -7.76 -5.54 24.22
CA ALA A 217 -6.91 -4.39 23.98
C ALA A 217 -6.66 -4.20 22.48
N PRO A 218 -6.45 -2.98 22.03
CA PRO A 218 -6.18 -2.74 20.60
C PRO A 218 -4.81 -3.28 20.22
N ILE A 219 -4.79 -4.24 19.30
CA ILE A 219 -3.55 -4.83 18.81
C ILE A 219 -3.52 -4.71 17.29
N THR A 220 -2.32 -4.82 16.73
CA THR A 220 -2.10 -4.75 15.30
C THR A 220 -1.76 -6.13 14.76
N LEU A 221 -2.48 -6.55 13.73
CA LEU A 221 -2.31 -7.88 13.16
C LEU A 221 -1.47 -7.80 11.90
N PRO A 222 -0.31 -8.45 11.83
CA PRO A 222 0.46 -8.46 10.58
C PRO A 222 -0.20 -9.36 9.55
N THR A 223 -0.58 -8.77 8.42
CA THR A 223 -1.24 -9.48 7.33
C THR A 223 -0.26 -9.70 6.18
N TYR A 224 -0.72 -10.38 5.15
CA TYR A 224 0.10 -10.76 4.02
C TYR A 224 -0.43 -10.12 2.74
N ARG A 225 0.49 -9.65 1.90
CA ARG A 225 0.16 -9.07 0.60
C ARG A 225 1.07 -9.71 -0.44
N ASP A 226 0.50 -10.52 -1.32
CA ASP A 226 1.28 -11.24 -2.32
C ASP A 226 1.71 -10.31 -3.46
N GLN A 227 2.82 -10.67 -4.09
CA GLN A 227 3.36 -9.92 -5.21
C GLN A 227 4.06 -10.87 -6.16
N LEU A 228 4.03 -10.52 -7.46
CA LEU A 228 4.80 -11.24 -8.45
C LEU A 228 6.28 -10.87 -8.34
N GLU A 229 7.13 -11.74 -8.87
CA GLU A 229 8.57 -11.58 -8.74
C GLU A 229 9.27 -11.92 -10.04
N LYS A 230 10.37 -11.23 -10.31
CA LYS A 230 11.21 -11.56 -11.44
C LYS A 230 11.91 -12.90 -11.22
N PRO A 231 12.22 -13.62 -12.29
CA PRO A 231 12.98 -14.87 -12.13
C PRO A 231 14.40 -14.59 -11.69
N GLY A 232 14.90 -15.42 -10.77
CA GLY A 232 16.24 -15.25 -10.26
C GLY A 232 16.39 -14.20 -9.18
N LYS A 233 15.28 -13.63 -8.68
CA LYS A 233 15.35 -12.65 -7.60
C LYS A 233 15.44 -13.37 -6.27
N LYS A 234 16.41 -13.00 -5.46
CA LYS A 234 16.61 -13.59 -4.14
C LYS A 234 16.12 -12.63 -3.06
N ARG A 235 15.39 -13.17 -2.09
CA ARG A 235 14.79 -12.39 -1.03
C ARG A 235 15.47 -12.74 0.30
N ASP A 236 16.10 -11.74 0.92
CA ASP A 236 16.76 -11.89 2.20
C ASP A 236 15.98 -11.13 3.27
N GLY A 237 15.82 -11.74 4.44
CA GLY A 237 15.08 -11.13 5.52
C GLY A 237 15.23 -11.84 6.85
N TYR A 238 14.14 -11.91 7.61
CA TYR A 238 14.15 -12.51 8.94
C TYR A 238 13.06 -13.57 9.04
N ASP A 239 13.23 -14.46 10.00
CA ASP A 239 12.27 -15.51 10.31
C ASP A 239 11.24 -14.99 11.31
N PHE A 240 10.10 -15.71 11.41
CA PHE A 240 9.09 -15.34 12.38
C PHE A 240 9.48 -15.74 13.79
N LEU A 241 10.45 -16.65 13.95
CA LEU A 241 11.06 -16.88 15.25
C LEU A 241 12.12 -15.83 15.58
N GLY A 242 12.61 -15.10 14.58
CA GLY A 242 13.69 -14.15 14.76
C GLY A 242 14.96 -14.50 14.03
N ASN A 243 15.07 -15.71 13.48
CA ASN A 243 16.25 -16.10 12.73
C ASN A 243 16.37 -15.30 11.44
N ALA A 244 17.51 -15.47 10.77
CA ALA A 244 17.82 -14.73 9.55
C ALA A 244 17.77 -15.67 8.35
N VAL A 245 17.01 -15.29 7.33
CA VAL A 245 16.93 -16.02 6.08
C VAL A 245 17.72 -15.26 5.03
N VAL A 246 18.66 -15.95 4.38
CA VAL A 246 19.53 -15.31 3.40
C VAL A 246 18.93 -15.38 2.01
N ALA A 247 18.47 -16.56 1.60
CA ALA A 247 17.87 -16.76 0.27
C ALA A 247 16.55 -17.50 0.46
N ALA A 248 15.44 -16.76 0.42
CA ALA A 248 14.13 -17.38 0.52
C ALA A 248 13.89 -18.34 -0.63
N ASP A 249 13.51 -19.57 -0.31
CA ASP A 249 13.34 -20.60 -1.32
C ASP A 249 12.18 -20.23 -2.25
N LYS A 250 12.50 -20.06 -3.54
CA LYS A 250 11.51 -19.74 -4.55
C LYS A 250 11.07 -20.96 -5.35
N SER A 251 11.64 -22.13 -5.07
CA SER A 251 11.31 -23.33 -5.83
C SER A 251 9.87 -23.75 -5.59
N ILE A 252 9.31 -24.45 -6.58
CA ILE A 252 7.93 -24.91 -6.54
C ILE A 252 7.93 -26.40 -6.24
N PRO A 253 7.25 -26.85 -5.19
CA PRO A 253 7.19 -28.29 -4.91
C PRO A 253 6.51 -29.06 -6.04
N SER A 254 6.78 -30.36 -6.08
CA SER A 254 6.25 -31.20 -7.15
C SER A 254 4.74 -31.33 -7.09
N LYS A 255 4.16 -31.28 -5.89
CA LYS A 255 2.71 -31.39 -5.76
C LYS A 255 2.01 -30.19 -6.39
N TYR A 256 2.68 -29.03 -6.44
CA TYR A 256 2.08 -27.83 -6.97
C TYR A 256 2.58 -27.46 -8.37
N SER A 257 3.80 -27.90 -8.73
CA SER A 257 4.32 -27.61 -10.06
C SER A 257 3.57 -28.39 -11.13
N GLN A 258 3.01 -29.55 -10.76
CA GLN A 258 2.25 -30.40 -11.68
C GLN A 258 3.07 -30.77 -12.91
N GLY A 259 4.40 -30.84 -12.73
CA GLY A 259 5.30 -31.14 -13.83
C GLY A 259 5.72 -29.96 -14.67
N VAL A 260 5.08 -28.80 -14.50
CA VAL A 260 5.43 -27.61 -15.26
C VAL A 260 6.67 -27.00 -14.65
N ASP A 261 7.78 -27.03 -15.38
CA ASP A 261 9.05 -26.51 -14.89
C ASP A 261 9.20 -25.03 -15.22
N GLY A 262 10.20 -24.40 -14.62
CA GLY A 262 10.54 -23.03 -14.92
C GLY A 262 9.79 -21.97 -14.14
N LEU A 263 8.97 -22.36 -13.17
CA LEU A 263 8.19 -21.42 -12.38
C LEU A 263 8.88 -21.13 -11.04
N HIS A 264 8.51 -19.99 -10.46
CA HIS A 264 9.01 -19.59 -9.15
C HIS A 264 7.83 -19.11 -8.30
N ALA A 265 8.11 -18.76 -7.05
CA ALA A 265 7.08 -18.52 -6.05
C ALA A 265 6.76 -17.02 -5.93
N LEU A 266 5.59 -16.76 -5.35
CA LEU A 266 5.16 -15.39 -5.10
C LEU A 266 5.92 -14.79 -3.93
N ARG A 267 6.24 -13.50 -4.02
CA ARG A 267 6.78 -12.77 -2.89
C ARG A 267 5.63 -12.31 -1.99
N ARG A 268 5.71 -12.64 -0.72
CA ARG A 268 4.67 -12.31 0.26
C ARG A 268 5.19 -11.21 1.17
N ARG A 269 4.73 -9.98 0.93
CA ARG A 269 5.11 -8.85 1.77
C ARG A 269 4.28 -8.83 3.05
N THR A 270 4.88 -8.29 4.11
CA THR A 270 4.20 -8.17 5.39
C THR A 270 3.53 -6.80 5.49
N ALA A 271 2.22 -6.80 5.72
CA ALA A 271 1.46 -5.60 5.98
C ALA A 271 1.03 -5.58 7.44
N TYR A 272 0.39 -4.49 7.84
CA TYR A 272 -0.09 -4.32 9.21
C TYR A 272 -1.55 -3.94 9.20
N ALA A 273 -2.33 -4.54 10.10
CA ALA A 273 -3.75 -4.28 10.25
C ALA A 273 -3.98 -3.70 11.64
N VAL A 274 -3.85 -2.38 11.75
CA VAL A 274 -4.04 -1.72 13.04
C VAL A 274 -5.50 -1.84 13.46
N SER A 275 -5.72 -1.91 14.77
CA SER A 275 -7.06 -2.07 15.31
C SER A 275 -8.00 -0.98 14.82
N TYR A 276 -9.22 -1.38 14.48
CA TYR A 276 -10.24 -0.42 14.06
C TYR A 276 -10.59 0.55 15.18
N ALA A 277 -10.55 0.07 16.43
CA ALA A 277 -10.87 0.94 17.56
C ALA A 277 -9.82 2.04 17.74
N ALA A 278 -8.56 1.76 17.43
CA ALA A 278 -7.50 2.74 17.60
C ALA A 278 -7.29 3.60 16.36
N ALA A 279 -7.52 3.06 15.17
CA ALA A 279 -7.21 3.78 13.94
C ALA A 279 -8.31 4.75 13.54
N THR A 280 -9.57 4.37 13.75
CA THR A 280 -10.69 5.19 13.26
C THR A 280 -10.73 6.58 13.89
N PRO A 281 -10.60 6.76 15.22
CA PRO A 281 -10.59 8.13 15.75
C PRO A 281 -9.45 8.97 15.20
N MET A 282 -8.29 8.36 14.96
CA MET A 282 -7.21 9.08 14.31
C MET A 282 -7.52 9.35 12.83
N GLN A 283 -8.27 8.45 12.20
CA GLN A 283 -8.65 8.66 10.79
C GLN A 283 -9.65 9.79 10.64
N CYS A 284 -10.50 10.02 11.65
CA CYS A 284 -11.49 11.09 11.57
C CYS A 284 -10.83 12.46 11.51
N PHE A 285 -9.62 12.60 12.05
CA PHE A 285 -8.87 13.84 11.95
C PHE A 285 -7.93 13.84 10.75
N VAL A 286 -7.28 12.71 10.47
CA VAL A 286 -6.31 12.65 9.38
C VAL A 286 -7.01 12.88 8.03
N ALA A 287 -8.21 12.31 7.86
CA ALA A 287 -8.93 12.49 6.60
C ALA A 287 -9.37 13.93 6.40
N GLY A 288 -9.62 14.66 7.49
CA GLY A 288 -10.02 16.05 7.36
C GLY A 288 -8.94 16.96 6.84
N CYS A 289 -7.68 16.67 7.18
CA CYS A 289 -6.56 17.46 6.69
C CYS A 289 -6.00 16.97 5.37
N ARG A 290 -6.27 15.71 5.01
CA ARG A 290 -5.73 15.17 3.76
C ARG A 290 -6.37 15.83 2.55
N HIS A 291 -7.70 15.96 2.55
CA HIS A 291 -8.40 16.53 1.40
C HIS A 291 -8.11 18.02 1.25
N ILE A 292 -7.57 18.67 2.28
CA ILE A 292 -7.13 20.06 2.15
C ILE A 292 -5.72 20.11 1.58
N ALA A 293 -4.83 19.27 2.09
CA ALA A 293 -3.43 19.30 1.65
C ALA A 293 -3.31 18.88 0.18
N LEU A 294 -4.08 17.88 -0.24
CA LEU A 294 -4.03 17.43 -1.63
C LEU A 294 -4.75 18.40 -2.57
N GLU A 295 -5.41 19.41 -2.04
CA GLU A 295 -6.08 20.43 -2.85
C GLU A 295 -5.27 21.72 -2.95
N ARG A 296 -4.75 22.21 -1.82
CA ARG A 296 -3.91 23.40 -1.84
C ARG A 296 -2.62 23.14 -2.61
N TYR A 297 -1.99 21.99 -2.36
CA TYR A 297 -0.69 21.67 -2.93
C TYR A 297 -0.79 20.43 -3.81
N GLY A 298 -1.85 20.35 -4.63
CA GLY A 298 -2.03 19.26 -5.56
C GLY A 298 -1.01 19.20 -6.67
N GLU A 299 -0.26 20.29 -6.89
CA GLU A 299 0.79 20.27 -7.92
C GLU A 299 1.90 19.30 -7.59
N THR A 300 2.02 18.87 -6.33
CA THR A 300 3.07 17.97 -5.90
C THR A 300 2.55 16.58 -5.55
N TRP A 301 1.50 16.49 -4.75
CA TRP A 301 1.06 15.22 -4.19
C TRP A 301 -0.18 14.64 -4.86
N HIS A 302 -0.85 15.37 -5.75
CA HIS A 302 -2.10 14.91 -6.32
C HIS A 302 -2.09 15.11 -7.83
N GLU A 303 -3.23 14.77 -8.46
CA GLU A 303 -3.41 14.83 -9.90
C GLU A 303 -4.88 14.71 -10.20
N HIS A 304 -5.30 15.26 -11.33
CA HIS A 304 -6.68 15.14 -11.79
C HIS A 304 -6.84 14.23 -12.99
N ASP A 305 -5.80 14.11 -13.81
CA ASP A 305 -5.78 13.19 -14.94
C ASP A 305 -4.33 13.02 -15.39
N ALA A 306 -4.12 12.12 -16.35
CA ALA A 306 -2.77 11.90 -16.87
C ALA A 306 -2.22 13.13 -17.57
N GLU A 307 -3.09 14.07 -17.97
CA GLU A 307 -2.66 15.28 -18.65
C GLU A 307 -2.09 16.32 -17.70
N ASP A 308 -2.24 16.14 -16.38
CA ASP A 308 -1.63 17.07 -15.44
C ASP A 308 -0.16 16.75 -15.20
N ILE A 309 0.21 15.47 -15.25
CA ILE A 309 1.62 15.10 -15.08
C ILE A 309 2.45 15.64 -16.25
N ILE A 310 2.01 15.36 -17.47
CA ILE A 310 2.75 15.77 -18.66
C ILE A 310 2.85 17.29 -18.74
N ARG A 311 1.78 17.98 -18.34
CA ARG A 311 1.79 19.44 -18.38
C ARG A 311 2.82 20.01 -17.42
N ARG A 312 2.93 19.43 -16.22
CA ARG A 312 3.96 19.88 -15.28
C ARG A 312 5.35 19.50 -15.76
N ILE A 313 5.47 18.44 -16.55
CA ILE A 313 6.77 18.06 -17.11
C ILE A 313 7.22 19.08 -18.14
N TYR A 314 6.34 19.45 -19.07
CA TYR A 314 6.68 20.43 -20.09
C TYR A 314 6.75 21.85 -19.54
N LYS A 315 6.23 22.09 -18.35
CA LYS A 315 6.33 23.43 -17.75
C LYS A 315 7.77 23.76 -17.38
N TYR A 316 8.53 22.76 -16.95
CA TYR A 316 9.93 22.94 -16.55
C TYR A 316 10.93 22.42 -17.56
N GLY A 317 10.67 21.25 -18.16
CA GLY A 317 11.51 20.77 -19.24
C GLY A 317 12.26 19.48 -18.98
N PHE A 318 12.92 19.38 -17.83
CA PHE A 318 13.76 18.25 -17.50
C PHE A 318 13.25 17.55 -16.24
N TYR A 319 13.22 16.22 -16.28
CA TYR A 319 12.70 15.44 -15.17
C TYR A 319 13.51 14.16 -15.02
N GLU A 320 13.47 13.60 -13.81
CA GLU A 320 14.02 12.29 -13.53
C GLU A 320 13.01 11.54 -12.66
N LEU A 321 13.22 10.23 -12.51
CA LEU A 321 12.32 9.39 -11.73
C LEU A 321 13.13 8.60 -10.71
N TYR A 322 12.77 8.74 -9.44
CA TYR A 322 13.51 8.12 -8.34
C TYR A 322 12.56 7.33 -7.46
N ASP A 323 13.02 6.19 -6.97
CA ASP A 323 12.28 5.35 -6.05
C ASP A 323 13.07 5.21 -4.75
N ALA A 324 12.35 5.20 -3.62
CA ALA A 324 12.97 5.10 -2.31
C ALA A 324 13.13 3.63 -1.93
N SER A 325 14.36 3.25 -1.58
CA SER A 325 14.65 1.88 -1.17
C SER A 325 14.34 1.71 0.30
N ALA A 326 13.40 0.81 0.61
CA ALA A 326 12.95 0.55 1.98
C ALA A 326 12.49 1.85 2.66
N PHE A 327 11.46 2.45 2.06
CA PHE A 327 10.97 3.73 2.56
C PHE A 327 10.25 3.57 3.89
N ASP A 328 9.40 2.55 4.01
CA ASP A 328 8.67 2.34 5.26
C ASP A 328 9.52 1.64 6.31
N THR A 329 10.54 0.88 5.89
CA THR A 329 11.39 0.18 6.86
C THR A 329 12.30 1.16 7.58
N GLY A 330 12.91 2.08 6.86
CA GLY A 330 13.83 3.04 7.46
C GLY A 330 13.14 4.26 8.04
N PHE A 331 11.86 4.12 8.37
CA PHE A 331 11.07 5.20 8.96
C PHE A 331 11.36 5.25 10.46
N SER A 332 12.30 6.10 10.86
CA SER A 332 12.69 6.15 12.26
C SER A 332 11.59 6.76 13.11
N TRP A 333 11.61 6.42 14.40
CA TRP A 333 10.64 6.99 15.33
C TRP A 333 10.91 8.46 15.59
N LYS A 334 12.17 8.89 15.43
CA LYS A 334 12.49 10.30 15.63
C LYS A 334 11.85 11.18 14.56
N GLU A 335 11.69 10.66 13.35
CA GLU A 335 11.00 11.39 12.29
C GLU A 335 9.49 11.41 12.49
N ILE A 336 8.93 10.32 13.03
CA ILE A 336 7.48 10.24 13.21
C ILE A 336 7.02 11.26 14.26
N THR A 337 7.67 11.27 15.42
CA THR A 337 7.29 12.20 16.48
C THR A 337 7.54 13.65 16.07
N THR A 338 8.59 13.89 15.27
CA THR A 338 8.82 15.23 14.75
C THR A 338 7.65 15.70 13.89
N MET A 339 7.10 14.79 13.07
CA MET A 339 5.94 15.15 12.27
C MET A 339 4.69 15.25 13.12
N ILE A 340 4.57 14.39 14.14
CA ILE A 340 3.39 14.43 15.01
C ILE A 340 3.40 15.71 15.85
N ASP A 341 4.55 16.06 16.42
CA ASP A 341 4.65 17.27 17.23
C ASP A 341 4.49 18.54 16.41
N ALA A 342 4.71 18.46 15.09
CA ALA A 342 4.60 19.64 14.24
C ALA A 342 3.18 19.96 13.84
N ILE A 343 2.24 19.02 14.02
CA ILE A 343 0.85 19.20 13.63
C ILE A 343 0.21 20.29 14.49
N PRO A 344 -0.25 21.39 13.90
CA PRO A 344 -0.95 22.43 14.67
C PRO A 344 -2.44 22.12 14.82
N GLY A 345 -2.96 22.43 16.00
CA GLY A 345 -4.37 22.29 16.29
C GLY A 345 -4.73 21.11 17.16
N ILE A 346 -3.84 20.14 17.31
CA ILE A 346 -4.12 18.95 18.11
C ILE A 346 -3.58 19.13 19.51
N THR A 347 -4.28 18.55 20.48
CA THR A 347 -3.85 18.58 21.88
C THR A 347 -2.69 17.61 22.10
N ASP A 348 -2.07 17.71 23.28
CA ASP A 348 -1.05 16.75 23.66
C ASP A 348 -1.63 15.36 23.88
N LEU A 349 -2.93 15.27 24.16
CA LEU A 349 -3.59 13.96 24.19
C LEU A 349 -3.65 13.35 22.80
N ALA A 350 -3.84 14.19 21.77
CA ALA A 350 -3.90 13.68 20.41
C ALA A 350 -2.53 13.20 19.94
N ARG A 351 -1.47 13.89 20.33
CA ARG A 351 -0.12 13.49 19.91
C ARG A 351 0.24 12.13 20.51
N ASP A 352 0.01 11.96 21.81
CA ASP A 352 0.29 10.68 22.45
C ASP A 352 -0.64 9.58 21.94
N TYR A 353 -1.87 9.94 21.57
CA TYR A 353 -2.78 8.96 20.99
C TYR A 353 -2.28 8.47 19.64
N MET A 354 -1.83 9.39 18.78
CA MET A 354 -1.37 9.01 17.45
C MET A 354 -0.09 8.19 17.52
N ARG A 355 0.73 8.40 18.55
CA ARG A 355 1.96 7.60 18.68
C ARG A 355 1.65 6.16 19.05
N SER A 356 0.66 5.95 19.93
CA SER A 356 0.32 4.59 20.35
C SER A 356 -0.28 3.79 19.20
N VAL A 357 -0.95 4.46 18.26
CA VAL A 357 -1.50 3.75 17.11
C VAL A 357 -0.38 3.21 16.22
N HIS A 358 0.74 3.94 16.13
CA HIS A 358 1.84 3.50 15.28
C HIS A 358 2.52 2.25 15.82
N ARG A 359 2.51 2.05 17.14
CA ARG A 359 3.24 0.95 17.76
C ARG A 359 2.33 0.21 18.76
N LEU A 360 1.28 -0.40 18.23
CA LEU A 360 0.42 -1.26 19.03
C LEU A 360 1.05 -2.64 19.19
N PRO A 361 0.68 -3.38 20.23
CA PRO A 361 1.22 -4.73 20.41
C PRO A 361 0.91 -5.62 19.20
N LEU A 362 1.91 -6.37 18.77
CA LEU A 362 1.82 -7.17 17.56
C LEU A 362 1.53 -8.64 17.90
N LEU A 363 0.62 -9.24 17.13
CA LEU A 363 0.29 -10.66 17.25
C LEU A 363 0.94 -11.38 16.09
N ILE A 364 2.16 -11.87 16.31
CA ILE A 364 2.94 -12.50 15.25
C ILE A 364 2.44 -13.92 15.03
N THR A 365 2.21 -14.25 13.76
CA THR A 365 1.83 -15.60 13.36
C THR A 365 2.95 -16.22 12.54
N SER A 366 2.80 -17.50 12.23
CA SER A 366 3.88 -18.26 11.61
C SER A 366 3.98 -17.96 10.11
N ASP A 367 5.19 -18.15 9.59
CA ASP A 367 5.43 -18.14 8.15
C ASP A 367 6.14 -19.38 7.64
N VAL A 368 6.70 -20.19 8.52
CA VAL A 368 7.39 -21.41 8.09
C VAL A 368 6.38 -22.44 7.63
N ARG A 369 6.60 -23.00 6.45
CA ARG A 369 5.66 -23.94 5.86
C ARG A 369 5.54 -25.19 6.72
N GLY A 370 4.32 -25.49 7.17
CA GLY A 370 4.04 -26.64 7.99
C GLY A 370 4.11 -26.39 9.48
N VAL A 371 4.91 -25.41 9.92
CA VAL A 371 5.09 -25.10 11.33
C VAL A 371 3.95 -24.16 11.74
N LYS A 372 2.96 -24.70 12.44
CA LYS A 372 1.86 -23.90 12.96
C LYS A 372 2.26 -23.35 14.33
N GLY A 373 2.40 -22.04 14.42
CA GLY A 373 2.79 -21.41 15.68
C GLY A 373 2.49 -19.93 15.64
N ALA A 374 2.39 -19.34 16.83
CA ALA A 374 2.06 -17.93 16.95
C ALA A 374 2.41 -17.45 18.35
N TYR A 375 2.63 -16.15 18.46
CA TYR A 375 2.92 -15.51 19.73
C TYR A 375 2.51 -14.05 19.67
N LEU A 376 2.31 -13.46 20.85
CA LEU A 376 1.91 -12.06 20.98
C LEU A 376 3.06 -11.28 21.59
N LEU A 377 3.51 -10.25 20.88
CA LEU A 377 4.57 -9.37 21.36
C LEU A 377 3.93 -8.23 22.16
N ASN A 378 4.06 -8.30 23.49
CA ASN A 378 3.52 -7.28 24.37
C ASN A 378 4.46 -6.06 24.40
N MET A 379 4.59 -5.43 23.24
CA MET A 379 5.52 -4.34 23.02
C MET A 379 4.75 -3.05 22.79
N ASP A 380 4.99 -2.05 23.64
CA ASP A 380 4.37 -0.73 23.50
C ASP A 380 5.31 0.34 22.98
N LYS A 381 6.58 0.29 23.35
CA LYS A 381 7.56 1.32 22.98
C LYS A 381 8.64 0.69 22.12
N TYR A 382 8.42 0.68 20.81
CA TYR A 382 9.40 0.19 19.87
C TYR A 382 9.27 1.00 18.58
N SER A 383 10.37 1.06 17.82
CA SER A 383 10.36 1.74 16.54
C SER A 383 9.72 0.85 15.50
N PRO A 384 8.54 1.20 14.99
CA PRO A 384 7.81 0.28 14.09
C PRO A 384 8.01 0.59 12.62
N GLY A 385 8.69 1.68 12.30
CA GLY A 385 8.68 2.14 10.93
C GLY A 385 7.31 2.73 10.58
N LEU A 386 6.91 2.55 9.33
CA LEU A 386 5.61 3.02 8.85
C LEU A 386 4.74 1.79 8.59
N GLN A 387 3.92 1.44 9.58
CA GLN A 387 3.01 0.32 9.43
C GLN A 387 1.88 0.69 8.46
N SER A 388 1.58 -0.22 7.54
CA SER A 388 0.64 0.06 6.46
C SER A 388 -0.80 0.24 6.94
N GLY A 389 -1.10 -0.07 8.20
CA GLY A 389 -2.45 0.03 8.70
C GLY A 389 -2.75 1.34 9.42
N VAL A 390 -1.70 2.11 9.71
CA VAL A 390 -1.88 3.40 10.37
C VAL A 390 -2.65 4.34 9.45
N PRO A 391 -3.63 5.10 9.95
CA PRO A 391 -4.42 5.97 9.07
C PRO A 391 -3.60 7.02 8.34
N SER A 392 -2.41 7.37 8.85
CA SER A 392 -1.60 8.43 8.26
C SER A 392 -0.39 7.88 7.52
N VAL A 393 -0.49 6.66 6.98
CA VAL A 393 0.65 6.08 6.27
C VAL A 393 0.85 6.76 4.93
N SER A 394 -0.24 7.06 4.22
CA SER A 394 -0.13 7.71 2.93
C SER A 394 0.27 9.17 3.07
N ASP A 395 -0.11 9.80 4.18
CA ASP A 395 0.20 11.22 4.38
C ASP A 395 1.62 11.42 4.91
N PHE A 396 2.03 10.60 5.88
CA PHE A 396 3.40 10.67 6.36
C PHE A 396 4.40 10.30 5.27
N GLY A 397 3.98 9.46 4.32
CA GLY A 397 4.85 9.16 3.19
C GLY A 397 4.99 10.32 2.23
N LYS A 398 3.91 11.07 2.02
CA LYS A 398 3.96 12.24 1.17
C LYS A 398 4.73 13.37 1.82
N ILE A 399 4.70 13.46 3.15
CA ILE A 399 5.42 14.51 3.86
C ILE A 399 6.92 14.23 3.87
N ARG A 400 7.31 13.02 4.27
CA ARG A 400 8.73 12.70 4.37
C ARG A 400 9.41 12.70 3.01
N GLY A 401 8.70 12.23 1.97
CA GLY A 401 9.30 12.21 0.64
C GLY A 401 9.61 13.60 0.13
N ALA A 402 8.63 14.50 0.20
CA ALA A 402 8.86 15.87 -0.27
C ALA A 402 9.84 16.62 0.63
N ALA A 403 9.84 16.30 1.93
CA ALA A 403 10.77 16.97 2.84
C ALA A 403 12.21 16.57 2.57
N GLN A 404 12.43 15.37 2.04
CA GLN A 404 13.78 14.93 1.71
C GLN A 404 14.30 15.58 0.44
N TRP A 405 13.41 15.88 -0.51
CA TRP A 405 13.82 16.60 -1.72
C TRP A 405 13.86 18.11 -1.48
N SER A 406 13.02 18.62 -0.59
CA SER A 406 13.10 20.03 -0.23
C SER A 406 14.35 20.32 0.58
N TYR A 407 14.84 19.33 1.33
CA TYR A 407 16.12 19.48 2.02
C TYR A 407 17.28 19.46 1.03
N GLY A 408 17.15 18.69 -0.06
CA GLY A 408 18.18 18.69 -1.09
C GLY A 408 18.35 20.06 -1.72
N LEU A 409 17.24 20.79 -1.89
CA LEU A 409 17.32 22.15 -2.41
C LEU A 409 17.90 23.11 -1.37
N MET A 410 17.80 22.80 -0.09
CA MET A 410 18.46 23.61 0.93
C MET A 410 19.96 23.37 0.93
N VAL A 411 20.39 22.13 0.71
CA VAL A 411 21.80 21.85 0.52
C VAL A 411 22.30 22.46 -0.77
N LEU A 412 21.48 22.38 -1.83
CA LEU A 412 21.87 22.95 -3.12
C LEU A 412 21.99 24.47 -3.07
N GLY A 413 21.25 25.11 -2.17
CA GLY A 413 21.28 26.55 -2.04
C GLY A 413 20.14 27.27 -2.71
N ALA A 414 19.30 26.56 -3.47
CA ALA A 414 18.15 27.19 -4.09
C ALA A 414 17.14 27.67 -3.06
N ILE A 415 17.08 27.01 -1.90
CA ILE A 415 16.20 27.39 -0.82
C ILE A 415 17.09 27.71 0.39
N ARG A 416 17.28 28.99 0.66
CA ARG A 416 18.04 29.45 1.82
C ARG A 416 17.06 29.96 2.87
N TYR A 417 17.30 29.55 4.12
CA TYR A 417 16.33 29.77 5.20
C TYR A 417 16.94 30.71 6.24
N GLN A 418 16.16 31.74 6.61
CA GLN A 418 16.52 32.65 7.68
C GLN A 418 15.59 32.56 8.87
N SER A 419 14.45 31.89 8.73
CA SER A 419 13.49 31.72 9.82
C SER A 419 12.54 30.60 9.44
N ARG A 420 11.79 30.12 10.44
CA ARG A 420 10.79 29.08 10.17
C ARG A 420 9.63 29.64 9.38
N ALA A 421 9.22 30.88 9.67
CA ALA A 421 8.08 31.48 8.99
C ALA A 421 8.36 31.69 7.50
N GLN A 422 9.59 32.05 7.14
CA GLN A 422 9.92 32.23 5.74
C GLN A 422 10.18 30.91 5.04
N LEU A 423 10.75 29.93 5.74
CA LEU A 423 10.97 28.62 5.13
C LEU A 423 9.64 27.92 4.87
N LYS A 424 8.66 28.13 5.74
CA LYS A 424 7.31 27.62 5.50
C LYS A 424 6.69 28.27 4.28
N THR A 425 7.02 29.53 4.01
CA THR A 425 6.46 30.22 2.85
C THR A 425 7.12 29.76 1.56
N GLU A 426 8.45 29.65 1.55
CA GLU A 426 9.15 29.18 0.36
C GLU A 426 8.86 27.70 0.09
N PHE A 427 8.48 26.93 1.12
CA PHE A 427 8.04 25.57 0.89
C PHE A 427 6.66 25.54 0.25
N LYS A 428 5.74 26.42 0.71
CA LYS A 428 4.42 26.49 0.11
C LYS A 428 4.49 26.88 -1.36
N THR A 429 5.40 27.79 -1.71
CA THR A 429 5.56 28.17 -3.11
C THR A 429 6.12 27.02 -3.94
N LEU A 430 7.08 26.28 -3.38
CA LEU A 430 7.62 25.13 -4.08
C LEU A 430 6.57 24.05 -4.29
N LEU A 431 5.73 23.82 -3.28
CA LEU A 431 4.69 22.80 -3.40
C LEU A 431 3.63 23.20 -4.41
N LYS A 432 3.24 24.47 -4.43
CA LYS A 432 2.29 24.97 -5.41
C LYS A 432 2.93 25.21 -6.78
N HIS A 433 4.18 24.78 -6.97
CA HIS A 433 4.91 24.97 -8.23
C HIS A 433 4.96 26.44 -8.64
N GLY A 434 5.13 27.32 -7.66
CA GLY A 434 5.34 28.73 -7.91
C GLY A 434 6.75 29.13 -8.29
N ARG A 435 7.73 28.25 -8.03
CA ARG A 435 9.10 28.54 -8.43
C ARG A 435 9.29 28.25 -9.92
N PRO A 436 9.99 29.14 -10.64
CA PRO A 436 10.21 28.91 -12.08
C PRO A 436 11.34 27.93 -12.38
N ASP A 437 12.11 27.51 -11.38
CA ASP A 437 13.29 26.69 -11.62
C ASP A 437 13.20 25.29 -11.03
N PHE A 438 12.39 25.07 -10.00
CA PHE A 438 12.33 23.77 -9.35
C PHE A 438 10.89 23.43 -8.96
N ALA A 439 10.59 22.14 -9.00
CA ALA A 439 9.32 21.57 -8.57
C ALA A 439 9.49 20.06 -8.52
N MET A 440 8.44 19.37 -8.08
CA MET A 440 8.50 17.91 -7.99
C MET A 440 7.09 17.36 -7.90
N GLN A 441 6.97 16.07 -8.19
CA GLN A 441 5.74 15.31 -8.03
C GLN A 441 6.05 14.08 -7.20
N ASN A 442 5.47 14.01 -6.01
CA ASN A 442 5.81 12.95 -5.05
C ASN A 442 4.55 12.21 -4.62
N ARG A 443 4.68 10.89 -4.51
CA ARG A 443 3.61 10.03 -4.01
C ARG A 443 4.21 9.00 -3.05
N GLY A 444 4.90 9.49 -2.03
CA GLY A 444 5.56 8.62 -1.05
C GLY A 444 6.97 8.23 -1.49
N ASP A 445 7.17 6.95 -1.80
CA ASP A 445 8.46 6.46 -2.27
C ASP A 445 8.67 6.70 -3.76
N ASP A 446 7.73 7.36 -4.44
CA ASP A 446 7.84 7.66 -5.86
C ASP A 446 7.88 9.17 -6.04
N THR A 447 9.01 9.67 -6.56
CA THR A 447 9.23 11.10 -6.69
C THR A 447 9.80 11.41 -8.07
N MET A 448 9.29 12.47 -8.69
CA MET A 448 9.78 12.96 -9.97
C MET A 448 10.22 14.41 -9.82
N PRO A 449 11.51 14.68 -9.61
CA PRO A 449 11.97 16.07 -9.50
C PRO A 449 11.93 16.77 -10.85
N LEU A 450 11.48 18.02 -10.84
CA LEU A 450 11.38 18.84 -12.03
C LEU A 450 12.33 20.03 -11.92
N ALA A 451 12.94 20.40 -13.05
CA ALA A 451 13.87 21.52 -13.07
C ALA A 451 13.87 22.14 -14.45
N ALA A 452 14.14 23.45 -14.50
CA ALA A 452 14.18 24.18 -15.76
C ALA A 452 15.51 24.03 -16.48
N ARG A 453 16.57 23.67 -15.77
CA ARG A 453 17.90 23.49 -16.35
C ARG A 453 18.39 22.09 -16.02
N GLN A 454 18.91 21.40 -17.03
CA GLN A 454 19.29 20.01 -16.86
C GLN A 454 20.47 19.85 -15.90
N LYS A 455 21.37 20.83 -15.86
CA LYS A 455 22.50 20.75 -14.92
C LYS A 455 22.05 21.02 -13.49
N ASP A 456 21.02 21.84 -13.31
CA ASP A 456 20.47 22.05 -11.96
C ASP A 456 19.82 20.77 -11.45
N LEU A 457 19.16 20.01 -12.32
CA LEU A 457 18.51 18.78 -11.90
C LEU A 457 19.53 17.71 -11.54
N GLN A 458 20.64 17.65 -12.28
CA GLN A 458 21.66 16.63 -12.00
C GLN A 458 22.35 16.90 -10.67
N LYS A 459 22.59 18.17 -10.34
CA LYS A 459 23.15 18.50 -9.03
C LYS A 459 22.16 18.17 -7.91
N TRP A 460 20.88 18.51 -8.12
CA TRP A 460 19.86 18.23 -7.11
C TRP A 460 19.72 16.74 -6.88
N CYS A 461 19.73 15.94 -7.94
CA CYS A 461 19.60 14.49 -7.79
C CYS A 461 20.86 13.86 -7.21
N GLU A 462 22.03 14.45 -7.49
CA GLU A 462 23.27 13.94 -6.89
C GLU A 462 23.26 14.10 -5.37
N ILE A 463 22.62 15.15 -4.88
CA ILE A 463 22.62 15.41 -3.43
C ILE A 463 21.76 14.37 -2.72
N VAL A 464 20.54 14.15 -3.19
CA VAL A 464 19.62 13.24 -2.51
C VAL A 464 20.09 11.79 -2.60
N GLU A 465 20.94 11.46 -3.58
CA GLU A 465 21.48 10.11 -3.66
C GLU A 465 22.53 9.87 -2.58
N GLY A 466 23.32 10.90 -2.27
CA GLY A 466 24.31 10.82 -1.22
C GLY A 466 23.76 10.78 0.19
N PHE A 467 22.45 10.95 0.37
CA PHE A 467 21.87 10.90 1.70
C PHE A 467 22.03 9.51 2.31
N LYS A 468 22.44 9.48 3.57
CA LYS A 468 22.63 8.22 4.29
C LYS A 468 21.44 7.85 5.17
N PHE A 469 20.52 8.78 5.41
CA PHE A 469 19.31 8.49 6.15
C PHE A 469 18.18 8.00 5.26
N CYS A 470 18.41 7.90 3.95
CA CYS A 470 17.41 7.42 3.01
C CYS A 470 18.11 7.05 1.71
N LYS A 471 17.67 5.96 1.09
CA LYS A 471 18.25 5.47 -0.15
C LYS A 471 17.34 5.83 -1.31
N TRP A 472 17.77 6.82 -2.11
CA TRP A 472 17.07 7.22 -3.32
C TRP A 472 17.87 6.74 -4.52
N GLU A 473 17.25 5.91 -5.36
CA GLU A 473 17.91 5.34 -6.52
C GLU A 473 17.09 5.62 -7.76
N LYS A 474 17.79 5.75 -8.89
CA LYS A 474 17.12 6.05 -10.16
C LYS A 474 16.19 4.90 -10.55
N ASP A 475 14.98 5.26 -10.97
CA ASP A 475 14.02 4.27 -11.45
C ASP A 475 14.42 3.85 -12.86
N THR A 476 14.86 2.61 -13.00
CA THR A 476 15.24 2.11 -14.32
C THR A 476 14.03 1.87 -15.21
N GLY A 477 12.85 1.65 -14.62
CA GLY A 477 11.66 1.42 -15.41
C GLY A 477 11.00 2.67 -15.95
N LYS A 478 11.30 3.83 -15.36
CA LYS A 478 10.72 5.10 -15.80
C LYS A 478 9.19 5.07 -15.72
N LYS A 479 8.68 4.61 -14.58
CA LYS A 479 7.25 4.62 -14.30
C LYS A 479 6.97 5.51 -13.11
N PHE A 480 5.92 6.32 -13.21
CA PHE A 480 5.53 7.16 -12.09
C PHE A 480 4.17 6.64 -11.73
N ILE A 481 4.00 6.21 -10.49
CA ILE A 481 2.75 5.58 -10.12
C ILE A 481 2.63 4.39 -11.03
N GLY A 482 1.65 4.39 -11.92
CA GLY A 482 1.53 3.30 -12.87
C GLY A 482 1.51 3.88 -14.27
N ARG A 483 2.24 4.96 -14.48
CA ARG A 483 2.21 5.62 -15.77
C ARG A 483 3.51 5.54 -16.53
N VAL A 484 3.48 4.91 -17.69
CA VAL A 484 4.67 4.83 -18.54
C VAL A 484 4.74 6.09 -19.40
N LEU A 485 5.90 6.73 -19.42
CA LEU A 485 6.10 7.95 -20.19
C LEU A 485 6.61 7.57 -21.57
N TYR A 486 5.77 7.79 -22.58
CA TYR A 486 6.05 7.33 -23.94
C TYR A 486 6.30 8.52 -24.86
N GLN A 487 7.27 8.36 -25.76
CA GLN A 487 7.56 9.35 -26.78
C GLN A 487 7.84 8.60 -28.08
N ARG A 488 6.91 8.70 -29.03
CA ARG A 488 7.01 7.94 -30.28
C ARG A 488 8.32 8.24 -31.00
N THR A 489 8.56 9.51 -31.31
CA THR A 489 9.78 9.97 -31.93
C THR A 489 10.31 11.15 -31.13
N PRO A 490 11.60 11.47 -31.27
CA PRO A 490 12.14 12.66 -30.59
C PRO A 490 11.42 13.95 -30.97
N GLU A 491 10.58 13.94 -31.99
CA GLU A 491 9.80 15.10 -32.39
C GLU A 491 8.39 15.13 -31.83
N SER A 492 7.84 13.97 -31.48
CA SER A 492 6.46 13.89 -31.01
C SER A 492 6.38 14.22 -29.52
N LYS A 493 5.18 14.58 -29.09
CA LYS A 493 4.94 14.93 -27.70
C LYS A 493 4.99 13.67 -26.82
N VAL A 494 5.09 13.90 -25.51
CA VAL A 494 5.16 12.83 -24.54
C VAL A 494 3.76 12.50 -24.06
N VAL A 495 3.42 11.21 -24.08
CA VAL A 495 2.11 10.74 -23.65
C VAL A 495 2.30 9.73 -22.53
N ALA A 496 1.34 9.70 -21.61
CA ALA A 496 1.36 8.78 -20.48
C ALA A 496 0.45 7.59 -20.78
N TYR A 497 0.95 6.38 -20.49
CA TYR A 497 0.19 5.16 -20.67
C TYR A 497 0.33 4.29 -19.43
N SER A 498 -0.65 3.40 -19.24
CA SER A 498 -0.57 2.41 -18.19
C SER A 498 0.23 1.21 -18.66
N ASP A 499 1.03 0.63 -17.77
CA ASP A 499 1.91 -0.47 -18.13
C ASP A 499 1.08 -1.68 -18.56
N ILE A 500 1.33 -2.16 -19.78
CA ILE A 500 0.58 -3.30 -20.30
C ILE A 500 1.04 -4.61 -19.66
N VAL A 501 2.27 -4.67 -19.14
CA VAL A 501 2.70 -5.85 -18.41
C VAL A 501 1.85 -6.04 -17.16
N THR A 502 1.46 -4.93 -16.53
CA THR A 502 0.64 -5.01 -15.32
C THR A 502 -0.76 -5.54 -15.63
N MET A 503 -1.28 -5.25 -16.83
CA MET A 503 -2.60 -5.75 -17.19
C MET A 503 -2.64 -7.28 -17.17
N LEU A 504 -1.64 -7.92 -17.77
CA LEU A 504 -1.61 -9.38 -17.76
C LEU A 504 -1.27 -9.93 -16.38
N GLU A 505 -0.53 -9.17 -15.58
CA GLU A 505 -0.24 -9.61 -14.21
C GLU A 505 -1.51 -9.66 -13.38
N LYS A 506 -2.29 -8.57 -13.38
CA LYS A 506 -3.52 -8.48 -12.63
C LYS A 506 -4.68 -9.21 -13.30
N THR A 507 -4.41 -10.03 -14.31
CA THR A 507 -5.44 -10.79 -15.01
C THR A 507 -5.23 -12.30 -14.92
N PHE A 508 -4.00 -12.78 -15.11
CA PHE A 508 -3.73 -14.20 -15.09
C PHE A 508 -2.99 -14.68 -13.84
N ILE A 509 -2.24 -13.80 -13.17
CA ILE A 509 -1.60 -14.14 -11.90
C ILE A 509 -2.05 -13.13 -10.86
N ASN A 510 -3.30 -13.24 -10.43
CA ASN A 510 -3.89 -12.26 -9.52
C ASN A 510 -3.69 -12.69 -8.06
N GLU A 511 -3.83 -11.71 -7.16
CA GLU A 511 -3.67 -11.98 -5.74
C GLU A 511 -4.90 -12.66 -5.16
N ARG A 512 -6.09 -12.26 -5.61
CA ARG A 512 -7.34 -12.81 -5.11
C ARG A 512 -8.18 -13.36 -6.26
N SER A 513 -9.10 -14.25 -5.91
CA SER A 513 -9.91 -14.95 -6.90
C SER A 513 -10.87 -13.98 -7.60
N MET A 514 -11.27 -14.36 -8.81
CA MET A 514 -12.30 -13.63 -9.51
C MET A 514 -13.64 -13.81 -8.81
N PHE A 515 -14.46 -12.75 -8.84
CA PHE A 515 -15.80 -12.75 -8.25
C PHE A 515 -15.78 -13.01 -6.74
N SER A 516 -14.63 -12.83 -6.10
CA SER A 516 -14.49 -13.04 -4.67
C SER A 516 -14.96 -11.78 -3.93
N ALA A 517 -14.72 -11.73 -2.62
CA ALA A 517 -15.15 -10.59 -1.83
C ALA A 517 -14.36 -9.33 -2.17
N HIS A 518 -13.10 -9.48 -2.58
CA HIS A 518 -12.27 -8.34 -2.92
C HIS A 518 -12.35 -7.95 -4.39
N ARG A 519 -12.71 -8.88 -5.27
CA ARG A 519 -12.83 -8.64 -6.70
C ARG A 519 -14.23 -9.01 -7.18
N PRO A 520 -15.26 -8.27 -6.76
CA PRO A 520 -16.63 -8.63 -7.16
C PRO A 520 -16.89 -8.38 -8.64
N PHE A 521 -16.22 -7.40 -9.24
CA PHE A 521 -16.42 -7.09 -10.65
C PHE A 521 -15.16 -7.41 -11.44
N ALA A 522 -14.75 -8.69 -11.42
CA ALA A 522 -13.50 -9.09 -12.07
C ALA A 522 -13.65 -9.10 -13.59
N ALA A 523 -14.79 -9.58 -14.10
CA ALA A 523 -14.98 -9.64 -15.55
C ALA A 523 -15.05 -8.24 -16.15
N THR A 524 -15.90 -7.38 -15.58
CA THR A 524 -16.00 -6.01 -16.08
C THR A 524 -14.69 -5.26 -15.91
N GLY A 525 -13.97 -5.52 -14.82
CA GLY A 525 -12.68 -4.88 -14.61
C GLY A 525 -11.65 -5.24 -15.67
N ASN A 526 -11.68 -6.50 -16.13
CA ASN A 526 -10.77 -6.90 -17.20
C ASN A 526 -11.18 -6.31 -18.54
N VAL A 527 -12.48 -6.00 -18.71
CA VAL A 527 -12.92 -5.37 -19.94
C VAL A 527 -12.42 -3.93 -20.02
N MET A 528 -12.44 -3.22 -18.89
CA MET A 528 -11.94 -1.84 -18.88
C MET A 528 -10.44 -1.79 -19.18
N ARG A 529 -9.67 -2.73 -18.61
CA ARG A 529 -8.24 -2.79 -18.92
C ARG A 529 -8.02 -3.00 -20.41
N TYR A 530 -8.86 -3.81 -21.05
CA TYR A 530 -8.73 -4.05 -22.48
C TYR A 530 -8.96 -2.77 -23.27
N GLU A 531 -10.08 -2.10 -23.02
CA GLU A 531 -10.43 -0.90 -23.78
C GLU A 531 -9.50 0.26 -23.46
N MET A 532 -9.07 0.38 -22.20
CA MET A 532 -8.15 1.46 -21.84
C MET A 532 -6.82 1.32 -22.57
N ASN A 533 -6.28 0.11 -22.64
CA ASN A 533 -4.96 -0.14 -23.19
C ASN A 533 -4.96 -0.32 -24.70
N MET A 534 -6.10 -0.12 -25.38
CA MET A 534 -6.12 -0.26 -26.83
C MET A 534 -5.22 0.76 -27.50
N ALA A 535 -5.11 1.96 -26.93
CA ALA A 535 -4.23 2.99 -27.45
C ALA A 535 -2.77 2.81 -27.05
N HIS A 536 -2.47 1.80 -26.26
CA HIS A 536 -1.09 1.55 -25.85
C HIS A 536 -0.26 1.16 -27.07
N PRO A 537 0.97 1.65 -27.17
CA PRO A 537 1.81 1.31 -28.35
C PRO A 537 2.08 -0.18 -28.47
N ALA A 538 2.22 -0.89 -27.36
CA ALA A 538 2.50 -2.32 -27.37
C ALA A 538 1.25 -3.17 -27.23
N PHE A 539 0.08 -2.63 -27.61
CA PHE A 539 -1.15 -3.38 -27.45
C PHE A 539 -1.37 -4.38 -28.59
N GLY A 540 -1.04 -3.99 -29.82
CA GLY A 540 -1.28 -4.87 -30.95
C GLY A 540 -0.39 -6.09 -30.96
N ALA A 541 0.87 -5.92 -30.56
CA ALA A 541 1.81 -7.04 -30.59
C ALA A 541 1.62 -7.99 -29.42
N VAL A 542 1.33 -7.45 -28.23
CA VAL A 542 1.22 -8.31 -27.05
C VAL A 542 -0.09 -9.09 -27.08
N MET A 543 -1.19 -8.44 -27.46
CA MET A 543 -2.48 -9.13 -27.47
C MET A 543 -2.62 -10.11 -28.61
N ASP A 544 -1.87 -9.93 -29.71
CA ASP A 544 -1.81 -10.96 -30.73
C ASP A 544 -1.14 -12.22 -30.21
N VAL A 545 -0.26 -12.08 -29.22
CA VAL A 545 0.33 -13.24 -28.57
C VAL A 545 -0.60 -13.81 -27.52
N VAL A 546 -1.25 -12.94 -26.75
CA VAL A 546 -2.17 -13.40 -25.70
C VAL A 546 -3.35 -14.15 -26.33
N ASP A 547 -4.00 -13.54 -27.32
CA ASP A 547 -5.15 -14.16 -27.95
C ASP A 547 -4.79 -15.48 -28.63
N THR A 548 -3.53 -15.62 -29.06
CA THR A 548 -3.10 -16.88 -29.65
C THR A 548 -3.02 -17.98 -28.60
N ILE A 549 -2.46 -17.68 -27.43
CA ILE A 549 -2.36 -18.68 -26.38
C ILE A 549 -3.71 -18.87 -25.68
N MET A 550 -4.54 -17.83 -25.63
CA MET A 550 -5.87 -17.97 -25.05
C MET A 550 -6.73 -18.92 -25.86
N LEU A 551 -6.69 -18.80 -27.19
CA LEU A 551 -7.49 -19.68 -28.05
C LEU A 551 -6.95 -21.10 -28.05
N LYS A 552 -5.64 -21.28 -27.87
CA LYS A 552 -5.06 -22.62 -27.92
C LYS A 552 -5.45 -23.46 -26.72
N HIS A 553 -5.66 -22.82 -25.56
CA HIS A 553 -5.97 -23.54 -24.34
C HIS A 553 -7.41 -23.41 -23.88
N PHE A 554 -8.10 -22.32 -24.23
CA PHE A 554 -9.46 -22.10 -23.79
C PHE A 554 -10.47 -21.92 -24.91
N GLY A 555 -10.03 -21.78 -26.15
CA GLY A 555 -10.94 -21.60 -27.27
C GLY A 555 -11.65 -20.27 -27.31
N VAL A 556 -11.26 -19.32 -26.47
CA VAL A 556 -11.84 -17.98 -26.45
C VAL A 556 -10.72 -16.95 -26.38
N THR A 557 -10.94 -15.82 -27.03
CA THR A 557 -9.97 -14.74 -27.01
C THR A 557 -10.01 -14.02 -25.65
N TYR A 558 -9.19 -12.99 -25.52
CA TYR A 558 -9.13 -12.24 -24.26
C TYR A 558 -10.45 -11.54 -23.98
N LYS A 559 -10.90 -10.71 -24.92
CA LYS A 559 -12.14 -9.96 -24.71
C LYS A 559 -13.35 -10.89 -24.68
N GLU A 560 -13.35 -11.93 -25.51
CA GLU A 560 -14.46 -12.87 -25.51
C GLU A 560 -14.59 -13.56 -24.16
N CYS A 561 -13.47 -13.83 -23.50
CA CYS A 561 -13.51 -14.56 -22.23
C CYS A 561 -14.20 -13.76 -21.15
N PHE A 562 -13.95 -12.46 -21.08
CA PHE A 562 -14.44 -11.63 -19.98
C PHE A 562 -15.76 -10.93 -20.30
N VAL A 563 -16.07 -10.68 -21.57
CA VAL A 563 -17.39 -10.16 -21.91
C VAL A 563 -18.45 -11.22 -21.66
N GLY A 564 -18.14 -12.48 -21.98
CA GLY A 564 -19.06 -13.56 -21.67
C GLY A 564 -19.20 -13.80 -20.18
N ALA A 565 -18.15 -13.52 -19.41
CA ALA A 565 -18.21 -13.64 -17.96
C ALA A 565 -18.93 -12.47 -17.30
N GLN A 566 -19.17 -11.38 -18.04
CA GLN A 566 -19.93 -10.27 -17.48
C GLN A 566 -21.35 -10.67 -17.14
N ALA A 567 -21.95 -11.56 -17.94
CA ALA A 567 -23.29 -12.05 -17.62
C ALA A 567 -23.29 -12.88 -16.35
N LEU A 568 -22.23 -13.68 -16.14
CA LEU A 568 -22.12 -14.44 -14.89
C LEU A 568 -21.81 -13.52 -13.71
N GLU A 569 -21.06 -12.44 -13.95
CA GLU A 569 -20.73 -11.51 -12.88
C GLU A 569 -21.97 -10.79 -12.37
N LYS A 570 -22.81 -10.30 -13.29
CA LYS A 570 -24.00 -9.58 -12.89
C LYS A 570 -24.97 -10.47 -12.11
N GLU A 571 -25.00 -11.76 -12.43
CA GLU A 571 -25.88 -12.67 -11.70
C GLU A 571 -25.33 -12.97 -10.30
N LEU A 572 -24.01 -13.09 -10.18
CA LEU A 572 -23.40 -13.36 -8.88
C LEU A 572 -23.52 -12.18 -7.93
N ASN A 573 -23.67 -10.96 -8.44
CA ASN A 573 -23.78 -9.77 -7.62
C ASN A 573 -25.23 -9.30 -7.45
N ASN A 574 -26.18 -10.22 -7.58
CA ASN A 574 -27.60 -9.92 -7.35
C ASN A 574 -28.11 -8.81 -8.27
N GLY A 575 -27.75 -8.91 -9.55
CA GLY A 575 -28.21 -7.95 -10.54
C GLY A 575 -27.67 -6.55 -10.37
N VAL A 576 -26.69 -6.33 -9.49
CA VAL A 576 -26.12 -5.00 -9.31
C VAL A 576 -25.23 -4.68 -10.51
N GLU A 577 -25.60 -3.65 -11.26
CA GLU A 577 -24.89 -3.25 -12.47
C GLU A 577 -24.12 -1.97 -12.17
N LEU A 578 -22.80 -2.04 -12.23
CA LEU A 578 -21.99 -0.84 -12.08
C LEU A 578 -22.34 0.15 -13.20
N PRO A 579 -22.38 1.44 -12.92
CA PRO A 579 -22.63 2.42 -13.97
C PRO A 579 -21.56 2.31 -15.05
N ASP A 580 -21.98 2.52 -16.31
CA ASP A 580 -21.06 2.43 -17.43
C ASP A 580 -19.90 3.39 -17.24
N TYR A 581 -18.71 2.96 -17.64
CA TYR A 581 -17.49 3.73 -17.39
C TYR A 581 -17.51 5.10 -18.06
N ALA A 582 -18.42 5.35 -19.00
CA ALA A 582 -18.49 6.66 -19.63
C ALA A 582 -18.85 7.74 -18.62
N GLY A 583 -19.76 7.42 -17.69
CA GLY A 583 -20.18 8.37 -16.68
C GLY A 583 -19.29 8.45 -15.46
N LEU A 584 -18.24 7.64 -15.38
CA LEU A 584 -17.33 7.64 -14.26
C LEU A 584 -16.02 8.32 -14.64
N ASN A 585 -15.35 8.89 -13.64
CA ASN A 585 -14.04 9.49 -13.85
C ASN A 585 -12.95 8.42 -13.68
N GLN A 586 -11.73 8.79 -14.06
CA GLN A 586 -10.63 7.84 -14.00
C GLN A 586 -10.33 7.40 -12.58
N ALA A 587 -10.63 8.26 -11.60
CA ALA A 587 -10.47 7.86 -10.20
C ALA A 587 -11.36 6.68 -9.85
N THR A 588 -12.63 6.74 -10.26
CA THR A 588 -13.52 5.61 -10.04
C THR A 588 -13.09 4.41 -10.88
N ARG A 589 -12.60 4.66 -12.09
CA ARG A 589 -12.10 3.57 -12.94
C ARG A 589 -10.99 2.80 -12.25
N ASP A 590 -9.96 3.50 -11.77
CA ASP A 590 -8.86 2.84 -11.09
C ASP A 590 -9.30 2.24 -9.76
N PHE A 591 -10.33 2.81 -9.14
CA PHE A 591 -10.86 2.24 -7.90
C PHE A 591 -11.59 0.93 -8.15
N ILE A 592 -12.14 0.75 -9.35
CA ILE A 592 -12.81 -0.50 -9.69
C ILE A 592 -11.78 -1.62 -9.84
N LEU A 593 -10.65 -1.33 -10.48
CA LEU A 593 -9.61 -2.34 -10.65
C LEU A 593 -8.97 -2.71 -9.32
N ASP A 594 -8.55 -1.69 -8.56
CA ASP A 594 -7.89 -1.90 -7.27
C ASP A 594 -8.61 -1.07 -6.22
N PRO A 595 -9.40 -1.68 -5.34
CA PRO A 595 -10.04 -0.91 -4.26
C PRO A 595 -9.06 -0.24 -3.33
N ASP A 596 -7.80 -0.69 -3.29
CA ASP A 596 -6.80 -0.08 -2.42
C ASP A 596 -6.11 1.07 -3.14
N VAL A 597 -6.85 1.76 -4.00
CA VAL A 597 -6.30 2.93 -4.69
C VAL A 597 -6.56 4.20 -3.90
N ILE A 598 -7.70 4.27 -3.21
CA ILE A 598 -8.03 5.47 -2.43
C ILE A 598 -7.05 5.64 -1.28
N HIS A 599 -6.44 4.54 -0.81
CA HIS A 599 -5.48 4.60 0.28
C HIS A 599 -4.10 5.09 -0.15
N TYR A 600 -3.82 5.15 -1.45
CA TYR A 600 -2.49 5.52 -1.94
C TYR A 600 -2.51 6.55 -3.07
N LYS A 601 -3.55 6.60 -3.90
CA LYS A 601 -3.52 7.45 -5.08
C LYS A 601 -4.64 8.49 -5.08
N TRP A 602 -5.89 8.07 -5.23
CA TRP A 602 -7.01 9.00 -5.36
C TRP A 602 -7.64 9.28 -4.00
N ARG A 603 -8.44 10.35 -3.96
CA ARG A 603 -9.14 10.76 -2.75
C ARG A 603 -10.50 10.06 -2.67
N GLU A 604 -11.06 10.08 -1.45
CA GLU A 604 -12.40 9.53 -1.25
C GLU A 604 -13.45 10.36 -1.96
N SER A 605 -13.21 11.68 -2.08
CA SER A 605 -14.13 12.55 -2.80
C SER A 605 -13.98 12.45 -4.31
N ASP A 606 -12.93 11.78 -4.81
CA ASP A 606 -12.74 11.61 -6.24
C ASP A 606 -13.52 10.43 -6.82
N ILE A 607 -14.06 9.56 -5.97
CA ILE A 607 -14.79 8.39 -6.43
C ILE A 607 -16.27 8.74 -6.55
N ASP A 608 -16.91 8.19 -7.57
CA ASP A 608 -18.33 8.43 -7.78
C ASP A 608 -19.13 7.85 -6.61
N PRO A 609 -20.15 8.56 -6.12
CA PRO A 609 -20.91 8.05 -4.96
C PRO A 609 -21.63 6.75 -5.24
N ARG A 610 -22.12 6.53 -6.46
CA ARG A 610 -22.80 5.27 -6.78
C ARG A 610 -21.88 4.09 -6.58
N VAL A 611 -20.66 4.16 -7.13
CA VAL A 611 -19.71 3.07 -6.99
C VAL A 611 -19.15 3.02 -5.58
N LEU A 612 -18.94 4.19 -4.97
CA LEU A 612 -18.30 4.24 -3.65
C LEU A 612 -19.18 3.61 -2.57
N ASP A 613 -20.51 3.65 -2.75
CA ASP A 613 -21.40 3.04 -1.76
C ASP A 613 -21.43 1.53 -1.88
N MET A 614 -21.21 0.99 -3.08
CA MET A 614 -21.32 -0.45 -3.28
C MET A 614 -20.12 -1.20 -2.69
N VAL A 615 -18.97 -0.55 -2.62
CA VAL A 615 -17.75 -1.18 -2.13
C VAL A 615 -17.50 -0.84 -0.67
N MET A 616 -17.81 0.39 -0.27
CA MET A 616 -17.56 0.86 1.08
C MET A 616 -18.88 1.04 1.81
N PRO A 617 -19.32 0.07 2.62
CA PRO A 617 -20.64 0.16 3.26
C PRO A 617 -20.67 1.18 4.40
N THR A 618 -19.71 1.11 5.31
CA THR A 618 -19.63 2.08 6.39
C THR A 618 -19.17 3.43 5.85
N SER A 619 -19.66 4.50 6.46
CA SER A 619 -19.25 5.86 6.07
C SER A 619 -19.59 6.80 7.22
N LEU A 620 -18.56 7.39 7.81
CA LEU A 620 -18.74 8.39 8.86
C LEU A 620 -18.90 9.76 8.23
N GLU A 621 -20.06 10.38 8.44
CA GLU A 621 -20.33 11.67 7.83
C GLU A 621 -19.43 12.75 8.45
N PRO A 622 -19.21 13.85 7.73
CA PRO A 622 -18.35 14.92 8.28
C PRO A 622 -18.81 15.45 9.62
N ASP A 623 -20.13 15.52 9.85
CA ASP A 623 -20.61 16.01 11.14
C ASP A 623 -20.34 15.01 12.26
N LEU A 624 -20.29 13.71 11.94
CA LEU A 624 -19.96 12.74 12.97
C LEU A 624 -18.46 12.76 13.27
N CYS A 625 -17.64 12.96 12.25
CA CYS A 625 -16.20 13.11 12.48
C CYS A 625 -15.90 14.38 13.27
N GLU A 626 -16.63 15.46 12.99
CA GLU A 626 -16.43 16.70 13.72
C GLU A 626 -16.81 16.53 15.19
N GLU A 627 -17.85 15.75 15.47
CA GLU A 627 -18.20 15.45 16.85
C GLU A 627 -17.18 14.52 17.50
N ALA A 628 -16.57 13.62 16.71
CA ALA A 628 -15.63 12.67 17.26
C ALA A 628 -14.32 13.34 17.66
N VAL A 629 -13.72 14.12 16.75
CA VAL A 629 -12.44 14.75 17.02
C VAL A 629 -12.51 15.69 18.21
N HIS A 630 -13.71 16.18 18.56
CA HIS A 630 -13.87 16.99 19.76
C HIS A 630 -14.19 16.15 20.99
N LYS A 631 -15.03 15.11 20.83
CA LYS A 631 -15.35 14.25 21.96
C LYS A 631 -14.12 13.49 22.45
N PHE A 632 -13.29 13.00 21.52
CA PHE A 632 -12.08 12.30 21.91
C PHE A 632 -11.04 13.23 22.53
N GLY A 633 -11.19 14.54 22.36
CA GLY A 633 -10.27 15.48 22.95
C GLY A 633 -9.04 15.79 22.13
N PHE A 634 -9.12 15.66 20.81
CA PHE A 634 -7.97 15.89 19.94
C PHE A 634 -7.84 17.37 19.53
N VAL A 635 -8.94 17.99 19.12
CA VAL A 635 -8.91 19.36 18.62
C VAL A 635 -8.89 20.33 19.78
N LYS A 636 -8.01 21.32 19.72
CA LYS A 636 -7.97 22.39 20.71
C LYS A 636 -9.15 23.34 20.51
CA CA B . 8.76 5.07 -10.14
#